data_2VII
#
_entry.id   2VII
#
_cell.length_a   113.607
_cell.length_b   113.607
_cell.length_c   39.358
_cell.angle_alpha   90.00
_cell.angle_beta   90.00
_cell.angle_gamma   120.00
#
_symmetry.space_group_name_H-M   'P 65'
#
loop_
_entity.id
_entity.type
_entity.pdbx_description
1 polymer 'PSP OPERON TRANSCRIPTIONAL ACTIVATOR'
2 non-polymer 'ADENOSINE MONOPHOSPHATE'
3 non-polymer 'MAGNESIUM ION'
4 water water
#
_entity_poly.entity_id   1
_entity_poly.type   'polypeptide(L)'
_entity_poly.pdbx_seq_one_letter_code
;MAEYKDNLLGEANSFLEVLEQVSHLAPLDKPVLIIGERGTGKELIASRLHYLSSRWQGPFISLNCAALNENLLDSELFGH
EAGAFTGAQKRHPGRFERADGGTLFLDELATAPMMVQEKLLRVIEYGELERVGGSQPLQVNVRLVCATNADLPAMVNEGT
FRADLLDRLAFDVVQLPPLRERESDIMLMAEYFAIQMCREIKLPLFPGFTERARETLLNYRWPGNIRELKNVVERSVYRH
GTSDYPLDDIIIDPFKRRP
;
_entity_poly.pdbx_strand_id   A
#
loop_
_chem_comp.id
_chem_comp.type
_chem_comp.name
_chem_comp.formula
AMP non-polymer 'ADENOSINE MONOPHOSPHATE' 'C10 H14 N5 O7 P'
MG non-polymer 'MAGNESIUM ION' 'Mg 2'
#
# COMPACT_ATOMS: atom_id res chain seq x y z
N ASN A 7 -0.39 -6.47 11.04
CA ASN A 7 -0.58 -5.84 12.38
C ASN A 7 -0.25 -4.34 12.30
N LEU A 8 -1.17 -3.51 12.83
CA LEU A 8 -0.99 -2.06 12.79
C LEU A 8 -0.31 -1.48 14.04
N LEU A 9 0.89 -0.95 13.85
CA LEU A 9 1.65 -0.34 14.94
C LEU A 9 1.77 1.16 14.74
N GLY A 10 2.11 1.86 15.81
CA GLY A 10 2.26 3.30 15.73
C GLY A 10 1.17 4.05 16.46
N GLU A 11 1.57 5.11 17.17
CA GLU A 11 0.62 5.95 17.89
C GLU A 11 0.82 7.43 17.65
N ALA A 12 1.52 7.77 16.58
CA ALA A 12 1.75 9.18 16.26
C ALA A 12 0.40 9.78 15.88
N ASN A 13 0.19 11.05 16.24
CA ASN A 13 -1.06 11.74 15.93
C ASN A 13 -1.46 11.52 14.48
N SER A 14 -0.59 11.95 13.57
CA SER A 14 -0.85 11.82 12.14
C SER A 14 -1.35 10.43 11.81
N PHE A 15 -0.65 9.41 12.29
CA PHE A 15 -1.08 8.05 11.99
C PHE A 15 -2.44 7.73 12.58
N LEU A 16 -2.72 8.26 13.76
CA LEU A 16 -4.01 8.01 14.41
C LEU A 16 -5.15 8.69 13.69
N GLU A 17 -4.89 9.91 13.23
CA GLU A 17 -5.90 10.67 12.51
C GLU A 17 -6.31 9.93 11.25
N VAL A 18 -5.39 9.15 10.70
CA VAL A 18 -5.65 8.38 9.50
C VAL A 18 -6.61 7.22 9.81
N LEU A 19 -6.32 6.48 10.87
CA LEU A 19 -7.18 5.37 11.23
C LEU A 19 -8.59 5.89 11.50
N GLU A 20 -8.66 7.09 12.06
CA GLU A 20 -9.95 7.69 12.36
C GLU A 20 -10.64 7.99 11.04
N GLN A 21 -9.89 8.59 10.11
CA GLN A 21 -10.42 8.91 8.80
C GLN A 21 -10.92 7.63 8.15
N VAL A 22 -10.10 6.59 8.25
CA VAL A 22 -10.45 5.30 7.66
C VAL A 22 -11.73 4.71 8.23
N SER A 23 -11.90 4.79 9.55
CA SER A 23 -13.10 4.23 10.18
C SER A 23 -14.37 4.87 9.63
N HIS A 24 -14.32 6.16 9.32
CA HIS A 24 -15.49 6.84 8.78
C HIS A 24 -15.70 6.59 7.28
N LEU A 25 -14.62 6.52 6.51
CA LEU A 25 -14.70 6.29 5.08
C LEU A 25 -15.15 4.88 4.67
N ALA A 26 -14.65 3.89 5.39
CA ALA A 26 -14.93 2.50 5.10
C ALA A 26 -16.38 2.08 4.79
N PRO A 27 -17.35 2.58 5.57
CA PRO A 27 -18.77 2.25 5.35
C PRO A 27 -19.38 2.69 4.02
N LEU A 28 -18.80 3.70 3.40
CA LEU A 28 -19.30 4.22 2.14
C LEU A 28 -18.93 3.36 0.94
N ASP A 29 -19.49 3.71 -0.22
CA ASP A 29 -19.21 2.99 -1.45
C ASP A 29 -18.38 3.84 -2.39
N LYS A 30 -18.09 5.08 -1.99
CA LYS A 30 -17.32 5.96 -2.84
C LYS A 30 -15.89 5.48 -2.98
N PRO A 31 -15.26 5.73 -4.13
CA PRO A 31 -13.87 5.30 -4.35
C PRO A 31 -12.92 6.05 -3.40
N VAL A 32 -11.91 5.35 -2.89
CA VAL A 32 -10.95 5.98 -1.99
C VAL A 32 -9.55 5.99 -2.58
N LEU A 33 -8.85 7.10 -2.37
CA LEU A 33 -7.51 7.25 -2.87
C LEU A 33 -6.52 7.43 -1.71
N ILE A 34 -5.47 6.62 -1.72
CA ILE A 34 -4.46 6.65 -0.68
C ILE A 34 -3.16 7.19 -1.27
N ILE A 35 -2.57 8.18 -0.61
CA ILE A 35 -1.33 8.79 -1.07
C ILE A 35 -0.24 8.49 -0.06
N GLY A 36 0.90 7.96 -0.53
CA GLY A 36 1.99 7.65 0.38
C GLY A 36 3.18 6.96 -0.26
N GLU A 37 4.34 7.09 0.38
CA GLU A 37 5.55 6.47 -0.12
C GLU A 37 5.43 4.95 0.01
N ARG A 38 6.41 4.24 -0.55
CA ARG A 38 6.40 2.79 -0.47
C ARG A 38 6.76 2.33 0.95
N GLY A 39 6.17 1.21 1.34
CA GLY A 39 6.43 0.67 2.66
C GLY A 39 5.65 1.40 3.73
N THR A 40 4.75 2.30 3.36
CA THR A 40 3.97 3.05 4.36
C THR A 40 2.67 2.39 4.79
N GLY A 41 2.36 1.21 4.27
CA GLY A 41 1.13 0.54 4.64
C GLY A 41 -0.13 0.74 3.78
N LYS A 42 0.03 1.25 2.57
CA LYS A 42 -1.10 1.47 1.69
C LYS A 42 -2.02 0.25 1.57
N GLU A 43 -1.47 -0.91 1.21
CA GLU A 43 -2.30 -2.10 1.07
C GLU A 43 -2.99 -2.43 2.40
N LEU A 44 -2.29 -2.24 3.50
CA LEU A 44 -2.88 -2.53 4.79
C LEU A 44 -4.09 -1.63 4.99
N ILE A 45 -3.88 -0.34 4.80
CA ILE A 45 -4.96 0.62 4.94
C ILE A 45 -6.09 0.26 4.00
N ALA A 46 -5.76 0.02 2.73
CA ALA A 46 -6.75 -0.36 1.75
C ALA A 46 -7.57 -1.51 2.31
N SER A 47 -6.87 -2.52 2.80
CA SER A 47 -7.51 -3.68 3.37
C SER A 47 -8.40 -3.29 4.55
N ARG A 48 -7.83 -2.53 5.46
CA ARG A 48 -8.59 -2.10 6.63
C ARG A 48 -9.92 -1.51 6.15
N LEU A 49 -9.89 -0.73 5.09
CA LEU A 49 -11.11 -0.14 4.55
C LEU A 49 -12.11 -1.23 4.20
N HIS A 50 -11.62 -2.29 3.57
CA HIS A 50 -12.49 -3.38 3.15
C HIS A 50 -13.17 -4.10 4.30
N TYR A 51 -12.40 -4.53 5.28
CA TYR A 51 -12.98 -5.27 6.40
C TYR A 51 -13.81 -4.46 7.39
N LEU A 52 -13.64 -3.15 7.37
CA LEU A 52 -14.43 -2.30 8.25
C LEU A 52 -15.68 -1.87 7.50
N SER A 53 -15.72 -2.14 6.21
CA SER A 53 -16.89 -1.78 5.40
C SER A 53 -17.96 -2.87 5.49
N SER A 54 -19.07 -2.65 4.81
CA SER A 54 -20.14 -3.63 4.80
C SER A 54 -19.75 -4.76 3.86
N ARG A 55 -18.84 -4.47 2.94
CA ARG A 55 -18.40 -5.49 2.01
C ARG A 55 -17.40 -6.44 2.66
N TRP A 56 -17.13 -6.24 3.94
CA TRP A 56 -16.14 -7.05 4.63
C TRP A 56 -16.22 -8.54 4.32
N GLN A 57 -17.36 -9.01 3.86
CA GLN A 57 -17.50 -10.43 3.53
C GLN A 57 -17.29 -10.72 2.05
N GLY A 58 -17.25 -9.67 1.23
CA GLY A 58 -17.02 -9.83 -0.19
C GLY A 58 -15.53 -10.02 -0.41
N PRO A 59 -15.08 -10.15 -1.66
CA PRO A 59 -13.64 -10.33 -1.89
C PRO A 59 -12.83 -9.06 -1.78
N PHE A 60 -11.55 -9.21 -1.47
CA PHE A 60 -10.64 -8.08 -1.42
C PHE A 60 -9.59 -8.44 -2.48
N ILE A 61 -9.56 -7.66 -3.55
CA ILE A 61 -8.61 -7.93 -4.63
C ILE A 61 -7.51 -6.89 -4.70
N SER A 62 -6.39 -7.26 -5.30
CA SER A 62 -5.29 -6.34 -5.45
C SER A 62 -4.69 -6.42 -6.85
N LEU A 63 -3.95 -5.40 -7.22
CA LEU A 63 -3.33 -5.34 -8.53
C LEU A 63 -2.35 -4.19 -8.56
N ASN A 64 -1.14 -4.47 -9.03
CA ASN A 64 -0.11 -3.46 -9.12
C ASN A 64 0.03 -3.10 -10.58
N CYS A 65 -0.60 -1.99 -10.95
CA CYS A 65 -0.58 -1.52 -12.33
C CYS A 65 0.79 -1.40 -12.95
N ALA A 66 1.74 -0.85 -12.20
CA ALA A 66 3.10 -0.68 -12.71
C ALA A 66 3.72 -1.97 -13.24
N ALA A 67 3.30 -3.09 -12.68
CA ALA A 67 3.84 -4.39 -13.05
C ALA A 67 3.58 -4.92 -14.48
N LEU A 68 2.39 -4.71 -15.01
CA LEU A 68 2.05 -5.22 -16.34
C LEU A 68 2.21 -4.20 -17.44
N ASN A 69 2.37 -4.67 -18.68
CA ASN A 69 2.50 -3.74 -19.80
C ASN A 69 1.09 -3.35 -20.20
N GLU A 70 0.95 -2.19 -20.82
CA GLU A 70 -0.36 -1.68 -21.22
C GLU A 70 -1.37 -2.73 -21.66
N ASN A 71 -1.06 -3.46 -22.73
CA ASN A 71 -2.00 -4.46 -23.22
C ASN A 71 -2.32 -5.53 -22.21
N LEU A 72 -1.34 -5.87 -21.38
CA LEU A 72 -1.53 -6.90 -20.37
C LEU A 72 -2.40 -6.38 -19.22
N LEU A 73 -2.13 -5.16 -18.77
CA LEU A 73 -2.90 -4.57 -17.68
C LEU A 73 -4.36 -4.40 -18.07
N ASP A 74 -4.59 -3.93 -19.29
CA ASP A 74 -5.94 -3.70 -19.79
C ASP A 74 -6.83 -4.91 -19.59
N SER A 75 -6.39 -6.04 -20.13
CA SER A 75 -7.14 -7.29 -20.03
C SER A 75 -7.06 -7.86 -18.62
N GLU A 76 -6.00 -7.53 -17.90
CA GLU A 76 -5.86 -8.03 -16.55
C GLU A 76 -6.86 -7.31 -15.64
N LEU A 77 -7.32 -6.15 -16.09
CA LEU A 77 -8.29 -5.36 -15.33
C LEU A 77 -9.73 -5.63 -15.71
N PHE A 78 -10.03 -5.56 -17.01
CA PHE A 78 -11.38 -5.77 -17.49
C PHE A 78 -11.58 -7.14 -18.13
N GLY A 79 -10.53 -7.96 -18.08
CA GLY A 79 -10.60 -9.31 -18.64
C GLY A 79 -10.64 -9.36 -20.15
N HIS A 80 -10.94 -10.54 -20.68
CA HIS A 80 -11.01 -10.74 -22.12
C HIS A 80 -11.54 -12.13 -22.47
N GLU A 81 -11.92 -12.30 -23.73
CA GLU A 81 -12.46 -13.55 -24.26
C GLU A 81 -11.38 -14.60 -24.54
N ALA A 82 -11.26 -15.59 -23.65
CA ALA A 82 -10.27 -16.66 -23.80
C ALA A 82 -10.79 -17.78 -24.70
N GLN A 89 -12.22 -21.49 -18.99
CA GLN A 89 -12.20 -22.21 -20.24
C GLN A 89 -12.75 -21.39 -21.39
N LYS A 90 -13.88 -20.71 -21.19
CA LYS A 90 -14.39 -19.95 -22.30
C LYS A 90 -14.17 -18.47 -22.17
N ARG A 91 -13.64 -17.98 -21.05
CA ARG A 91 -13.42 -16.53 -20.88
C ARG A 91 -12.50 -16.19 -19.70
N HIS A 92 -11.55 -15.28 -19.91
CA HIS A 92 -10.63 -14.89 -18.85
C HIS A 92 -11.09 -13.62 -18.12
N PRO A 93 -11.61 -13.77 -16.90
CA PRO A 93 -12.10 -12.66 -16.06
C PRO A 93 -11.06 -11.64 -15.61
N GLY A 94 -11.51 -10.42 -15.37
CA GLY A 94 -10.64 -9.35 -14.92
C GLY A 94 -10.79 -9.12 -13.42
N ARG A 95 -9.86 -8.38 -12.83
CA ARG A 95 -9.93 -8.14 -11.39
C ARG A 95 -11.24 -7.50 -10.97
N PHE A 96 -11.85 -6.74 -11.86
CA PHE A 96 -13.12 -6.10 -11.53
C PHE A 96 -14.20 -7.13 -11.23
N GLU A 97 -14.30 -8.15 -12.07
CA GLU A 97 -15.29 -9.20 -11.88
C GLU A 97 -14.92 -10.04 -10.66
N ARG A 98 -13.64 -10.31 -10.51
CA ARG A 98 -13.16 -11.10 -9.39
C ARG A 98 -13.38 -10.37 -8.07
N ALA A 99 -13.61 -9.07 -8.16
CA ALA A 99 -13.85 -8.27 -6.96
C ALA A 99 -15.33 -7.92 -6.79
N ASP A 100 -16.16 -8.37 -7.72
CA ASP A 100 -17.59 -8.11 -7.67
C ASP A 100 -18.13 -8.33 -6.26
N GLY A 101 -18.91 -7.37 -5.78
CA GLY A 101 -19.47 -7.47 -4.43
C GLY A 101 -18.41 -7.27 -3.37
N GLY A 102 -17.21 -6.84 -3.79
CA GLY A 102 -16.12 -6.62 -2.87
C GLY A 102 -15.38 -5.32 -3.11
N THR A 103 -14.08 -5.34 -2.89
CA THR A 103 -13.26 -4.16 -3.07
C THR A 103 -12.03 -4.42 -3.94
N LEU A 104 -11.73 -3.48 -4.83
CA LEU A 104 -10.56 -3.61 -5.69
C LEU A 104 -9.50 -2.60 -5.31
N PHE A 105 -8.31 -3.10 -4.99
CA PHE A 105 -7.20 -2.24 -4.63
C PHE A 105 -6.23 -2.11 -5.80
N LEU A 106 -6.14 -0.90 -6.36
CA LEU A 106 -5.24 -0.64 -7.47
C LEU A 106 -4.01 0.11 -6.98
N ASP A 107 -2.89 -0.58 -6.92
CA ASP A 107 -1.66 0.05 -6.46
C ASP A 107 -0.87 0.62 -7.64
N GLU A 108 -0.03 1.62 -7.37
CA GLU A 108 0.79 2.26 -8.39
C GLU A 108 -0.03 2.71 -9.60
N LEU A 109 -1.13 3.40 -9.30
CA LEU A 109 -2.06 3.90 -10.30
C LEU A 109 -1.46 4.93 -11.23
N ALA A 110 -0.63 5.80 -10.69
CA ALA A 110 -0.01 6.84 -11.49
C ALA A 110 0.66 6.27 -12.74
N THR A 111 0.90 4.96 -12.76
CA THR A 111 1.56 4.35 -13.90
C THR A 111 0.62 3.82 -14.97
N ALA A 112 -0.66 3.77 -14.66
CA ALA A 112 -1.64 3.28 -15.63
C ALA A 112 -1.65 4.17 -16.88
N PRO A 113 -1.80 3.56 -18.07
CA PRO A 113 -1.83 4.30 -19.33
C PRO A 113 -3.16 5.04 -19.51
N MET A 114 -3.11 6.16 -20.24
CA MET A 114 -4.30 6.95 -20.49
C MET A 114 -5.46 6.09 -20.98
N MET A 115 -5.20 5.17 -21.89
CA MET A 115 -6.26 4.31 -22.40
C MET A 115 -7.03 3.69 -21.25
N VAL A 116 -6.29 3.00 -20.37
CA VAL A 116 -6.85 2.34 -19.21
C VAL A 116 -7.52 3.33 -18.28
N GLN A 117 -6.85 4.43 -17.98
CA GLN A 117 -7.44 5.44 -17.09
C GLN A 117 -8.83 5.81 -17.58
N GLU A 118 -8.91 6.15 -18.86
CA GLU A 118 -10.17 6.54 -19.47
C GLU A 118 -11.17 5.40 -19.40
N LYS A 119 -10.70 4.21 -19.73
CA LYS A 119 -11.55 3.02 -19.67
C LYS A 119 -11.99 2.77 -18.23
N LEU A 120 -11.08 3.03 -17.30
CA LEU A 120 -11.34 2.82 -15.90
C LEU A 120 -12.43 3.77 -15.40
N LEU A 121 -12.42 5.00 -15.89
CA LEU A 121 -13.42 5.99 -15.48
C LEU A 121 -14.83 5.53 -15.82
N ARG A 122 -15.03 5.15 -17.08
CA ARG A 122 -16.33 4.70 -17.53
C ARG A 122 -16.91 3.67 -16.57
N VAL A 123 -16.12 2.65 -16.25
CA VAL A 123 -16.61 1.64 -15.33
C VAL A 123 -17.06 2.27 -14.02
N ILE A 124 -16.23 3.10 -13.42
CA ILE A 124 -16.60 3.73 -12.16
C ILE A 124 -17.96 4.40 -12.25
N GLU A 125 -18.12 5.24 -13.25
CA GLU A 125 -19.38 5.96 -13.41
C GLU A 125 -20.52 5.05 -13.90
N TYR A 126 -20.32 4.40 -15.03
CA TYR A 126 -21.35 3.51 -15.57
C TYR A 126 -21.49 2.20 -14.81
N GLY A 127 -20.60 1.94 -13.88
CA GLY A 127 -20.68 0.70 -13.12
C GLY A 127 -20.71 -0.56 -13.96
N GLU A 128 -20.30 -0.48 -15.22
CA GLU A 128 -20.30 -1.65 -16.09
C GLU A 128 -19.10 -1.76 -17.03
N LEU A 129 -18.67 -3.00 -17.25
CA LEU A 129 -17.54 -3.32 -18.13
C LEU A 129 -18.03 -3.47 -19.56
N GLU A 130 -17.31 -2.89 -20.51
CA GLU A 130 -17.70 -3.02 -21.90
C GLU A 130 -17.21 -4.38 -22.39
N ARG A 131 -17.89 -4.97 -23.37
CA ARG A 131 -17.48 -6.27 -23.88
C ARG A 131 -17.87 -6.55 -25.34
N VAL A 132 -17.05 -7.36 -26.00
CA VAL A 132 -17.27 -7.74 -27.40
C VAL A 132 -17.81 -9.16 -27.51
N GLY A 133 -17.59 -9.77 -28.67
CA GLY A 133 -18.03 -11.14 -28.93
C GLY A 133 -19.53 -11.44 -28.86
N GLY A 134 -20.36 -10.53 -29.34
CA GLY A 134 -21.80 -10.74 -29.31
C GLY A 134 -22.31 -11.01 -27.91
N SER A 135 -21.62 -10.45 -26.92
CA SER A 135 -21.98 -10.60 -25.51
C SER A 135 -22.30 -9.25 -24.89
N GLN A 136 -23.39 -9.20 -24.12
CA GLN A 136 -23.82 -7.97 -23.47
C GLN A 136 -22.80 -7.44 -22.45
N PRO A 137 -22.79 -6.12 -22.19
CA PRO A 137 -21.86 -5.53 -21.23
C PRO A 137 -21.97 -6.22 -19.88
N LEU A 138 -20.91 -6.15 -19.08
CA LEU A 138 -20.90 -6.78 -17.76
C LEU A 138 -21.18 -5.77 -16.63
N GLN A 139 -22.10 -6.14 -15.74
CA GLN A 139 -22.43 -5.27 -14.61
C GLN A 139 -21.65 -5.69 -13.39
N VAL A 140 -20.86 -4.76 -12.86
CA VAL A 140 -20.04 -5.04 -11.70
C VAL A 140 -20.35 -4.12 -10.53
N ASN A 141 -20.17 -4.63 -9.32
CA ASN A 141 -20.39 -3.84 -8.14
C ASN A 141 -19.13 -3.90 -7.31
N VAL A 142 -18.27 -2.92 -7.50
CA VAL A 142 -17.00 -2.89 -6.79
C VAL A 142 -16.69 -1.56 -6.12
N ARG A 143 -16.16 -1.65 -4.90
CA ARG A 143 -15.75 -0.47 -4.17
C ARG A 143 -14.31 -0.32 -4.61
N LEU A 144 -13.96 0.85 -5.12
CA LEU A 144 -12.61 1.07 -5.59
C LEU A 144 -11.68 1.77 -4.62
N VAL A 145 -10.43 1.31 -4.57
CA VAL A 145 -9.42 1.93 -3.73
C VAL A 145 -8.15 1.95 -4.55
N CYS A 146 -7.46 3.08 -4.56
CA CYS A 146 -6.25 3.19 -5.34
C CYS A 146 -5.18 3.91 -4.57
N ALA A 147 -3.94 3.55 -4.84
CA ALA A 147 -2.82 4.17 -4.17
C ALA A 147 -1.78 4.62 -5.17
N THR A 148 -0.97 5.56 -4.74
CA THR A 148 0.11 6.14 -5.48
C THR A 148 0.95 6.99 -4.70
N ASN A 149 2.21 7.22 -5.06
CA ASN A 149 3.02 8.14 -4.27
C ASN A 149 3.29 9.37 -5.14
N ALA A 150 2.60 9.43 -6.28
CA ALA A 150 2.77 10.55 -7.21
C ALA A 150 1.88 11.75 -6.87
N ASP A 151 2.10 12.84 -7.59
CA ASP A 151 1.34 14.07 -7.44
C ASP A 151 0.38 14.10 -8.62
N LEU A 152 -0.76 13.42 -8.47
CA LEU A 152 -1.72 13.36 -9.56
C LEU A 152 -2.12 14.71 -10.14
N PRO A 153 -2.35 15.72 -9.28
CA PRO A 153 -2.72 16.99 -9.91
C PRO A 153 -1.61 17.41 -10.87
N ALA A 154 -0.37 17.24 -10.41
CA ALA A 154 0.78 17.59 -11.22
C ALA A 154 0.72 16.85 -12.55
N MET A 155 0.40 15.57 -12.49
CA MET A 155 0.33 14.75 -13.69
C MET A 155 -0.82 15.16 -14.60
N VAL A 156 -1.86 15.72 -14.01
CA VAL A 156 -2.99 16.15 -14.81
C VAL A 156 -2.52 17.36 -15.60
N ASN A 157 -1.61 18.14 -15.04
CA ASN A 157 -1.11 19.33 -15.72
C ASN A 157 -0.19 18.98 -16.89
N GLU A 158 0.50 17.85 -16.77
CA GLU A 158 1.42 17.41 -17.82
C GLU A 158 0.64 16.57 -18.82
N GLY A 159 -0.65 16.40 -18.56
CA GLY A 159 -1.48 15.62 -19.45
C GLY A 159 -1.20 14.14 -19.39
N THR A 160 -0.54 13.69 -18.31
CA THR A 160 -0.20 12.28 -18.16
C THR A 160 -1.24 11.49 -17.36
N PHE A 161 -2.19 12.20 -16.77
CA PHE A 161 -3.26 11.56 -16.00
C PHE A 161 -4.52 12.34 -16.33
N ARG A 162 -5.60 11.63 -16.64
CA ARG A 162 -6.86 12.28 -17.00
C ARG A 162 -7.52 13.05 -15.85
N ALA A 163 -7.75 14.34 -16.06
CA ALA A 163 -8.37 15.20 -15.04
C ALA A 163 -9.78 14.74 -14.66
N ASP A 164 -10.55 14.27 -15.65
CA ASP A 164 -11.89 13.82 -15.34
C ASP A 164 -11.84 12.65 -14.36
N LEU A 165 -10.95 11.68 -14.58
CA LEU A 165 -10.86 10.55 -13.67
C LEU A 165 -10.52 11.02 -12.26
N LEU A 166 -9.50 11.87 -12.14
CA LEU A 166 -9.11 12.38 -10.83
C LEU A 166 -10.33 12.97 -10.11
N ASP A 167 -11.04 13.87 -10.78
CA ASP A 167 -12.21 14.48 -10.18
C ASP A 167 -13.12 13.40 -9.58
N ARG A 168 -13.31 12.33 -10.34
CA ARG A 168 -14.18 11.24 -9.90
C ARG A 168 -13.55 10.23 -8.92
N LEU A 169 -12.38 9.72 -9.26
CA LEU A 169 -11.69 8.73 -8.42
C LEU A 169 -11.55 9.18 -6.97
N ALA A 170 -10.96 10.35 -6.81
CA ALA A 170 -10.69 10.97 -5.52
C ALA A 170 -11.90 11.46 -4.74
N PHE A 171 -12.81 10.57 -4.38
CA PHE A 171 -13.95 11.03 -3.59
C PHE A 171 -13.35 11.71 -2.35
N ASP A 172 -12.32 11.08 -1.77
CA ASP A 172 -11.65 11.65 -0.60
C ASP A 172 -10.24 11.05 -0.54
N VAL A 173 -9.30 11.83 -0.02
CA VAL A 173 -7.92 11.36 0.01
C VAL A 173 -7.29 11.03 1.37
N VAL A 174 -6.77 9.82 1.47
CA VAL A 174 -6.10 9.38 2.68
C VAL A 174 -4.59 9.54 2.42
N GLN A 175 -3.87 10.19 3.33
CA GLN A 175 -2.43 10.41 3.16
C GLN A 175 -1.60 9.84 4.30
N LEU A 176 -0.93 8.73 4.05
CA LEU A 176 -0.11 8.07 5.04
C LEU A 176 1.18 8.85 5.31
N PRO A 177 1.44 9.17 6.59
CA PRO A 177 2.66 9.91 6.88
C PRO A 177 3.89 9.03 6.74
N PRO A 178 4.89 9.50 6.01
CA PRO A 178 6.07 8.64 5.90
C PRO A 178 6.67 8.44 7.30
N LEU A 179 7.45 7.37 7.44
CA LEU A 179 8.09 7.02 8.71
C LEU A 179 8.90 8.13 9.36
N ARG A 180 9.61 8.92 8.56
CA ARG A 180 10.45 9.97 9.08
C ARG A 180 9.65 11.10 9.71
N GLU A 181 8.35 11.12 9.44
CA GLU A 181 7.49 12.14 10.01
C GLU A 181 6.63 11.55 11.11
N ARG A 182 7.11 10.46 11.70
CA ARG A 182 6.40 9.80 12.78
C ARG A 182 7.32 9.43 13.94
N GLU A 183 8.42 10.16 14.10
CA GLU A 183 9.48 9.69 14.80
C GLU A 183 9.09 9.05 15.96
N SER A 184 8.09 9.62 16.61
CA SER A 184 7.55 9.00 17.82
C SER A 184 7.52 7.45 17.67
N ASP A 185 7.11 6.99 16.49
CA ASP A 185 6.99 5.57 16.21
C ASP A 185 8.23 4.79 15.75
N ILE A 186 9.27 5.47 15.29
CA ILE A 186 10.47 4.77 14.82
C ILE A 186 11.09 3.83 15.85
N MET A 187 11.25 4.28 17.09
CA MET A 187 11.81 3.38 18.09
C MET A 187 10.77 2.34 18.49
N LEU A 188 9.51 2.75 18.50
CA LEU A 188 8.43 1.85 18.85
C LEU A 188 8.38 0.61 17.96
N MET A 189 8.46 0.80 16.65
CA MET A 189 8.40 -0.32 15.73
C MET A 189 9.72 -1.07 15.70
N ALA A 190 10.82 -0.34 15.81
CA ALA A 190 12.12 -0.99 15.79
C ALA A 190 12.16 -1.97 16.96
N GLU A 191 11.74 -1.50 18.12
CA GLU A 191 11.71 -2.36 19.31
C GLU A 191 10.93 -3.63 18.99
N TYR A 192 9.70 -3.44 18.51
CA TYR A 192 8.82 -4.54 18.18
C TYR A 192 9.46 -5.53 17.20
N PHE A 193 10.07 -4.97 16.16
CA PHE A 193 10.73 -5.78 15.14
C PHE A 193 11.92 -6.52 15.71
N ALA A 194 12.73 -5.80 16.47
CA ALA A 194 13.91 -6.40 17.09
C ALA A 194 13.47 -7.63 17.87
N ILE A 195 12.39 -7.47 18.63
CA ILE A 195 11.89 -8.55 19.46
C ILE A 195 11.38 -9.76 18.69
N GLN A 196 10.73 -9.57 17.54
CA GLN A 196 10.26 -10.74 16.79
C GLN A 196 11.48 -11.48 16.29
N MET A 197 12.52 -10.72 15.96
CA MET A 197 13.74 -11.31 15.44
C MET A 197 14.44 -12.14 16.51
N CYS A 198 14.43 -11.64 17.75
CA CYS A 198 15.05 -12.37 18.84
C CYS A 198 14.34 -13.71 19.02
N ARG A 199 13.01 -13.67 18.97
CA ARG A 199 12.25 -14.89 19.11
C ARG A 199 12.64 -15.89 18.03
N GLU A 200 12.86 -15.43 16.81
CA GLU A 200 13.24 -16.41 15.80
C GLU A 200 14.64 -16.95 15.94
N ILE A 201 15.62 -16.08 16.13
CA ILE A 201 16.97 -16.59 16.29
C ILE A 201 17.18 -17.02 17.73
N LYS A 202 16.07 -17.33 18.40
CA LYS A 202 16.07 -17.82 19.78
C LYS A 202 16.96 -17.09 20.80
N LEU A 203 16.95 -15.76 20.81
CA LEU A 203 17.73 -15.03 21.80
C LEU A 203 16.84 -14.92 23.04
N PRO A 204 17.44 -15.05 24.24
CA PRO A 204 16.65 -14.95 25.47
C PRO A 204 15.91 -13.63 25.60
N LEU A 205 16.65 -12.54 25.44
CA LEU A 205 16.06 -11.21 25.56
C LEU A 205 16.63 -10.22 24.57
N PHE A 206 15.83 -9.22 24.20
CA PHE A 206 16.36 -8.18 23.33
C PHE A 206 17.07 -7.23 24.30
N PRO A 207 18.38 -7.02 24.09
CA PRO A 207 19.26 -6.15 24.89
C PRO A 207 19.12 -4.65 24.68
N GLY A 208 18.25 -4.21 23.77
CA GLY A 208 18.10 -2.77 23.56
C GLY A 208 19.09 -2.13 22.61
N PHE A 209 18.86 -0.86 22.32
CA PHE A 209 19.73 -0.11 21.41
C PHE A 209 20.57 0.92 22.15
N THR A 210 21.87 0.95 21.86
CA THR A 210 22.74 1.95 22.47
C THR A 210 22.29 3.28 21.89
N GLU A 211 22.77 4.39 22.44
CA GLU A 211 22.38 5.71 21.95
C GLU A 211 22.75 5.85 20.47
N ARG A 212 23.89 5.26 20.09
CA ARG A 212 24.39 5.31 18.73
C ARG A 212 23.41 4.67 17.73
N ALA A 213 22.89 3.52 18.08
CA ALA A 213 21.93 2.84 17.22
C ALA A 213 20.67 3.71 17.06
N ARG A 214 20.26 4.36 18.16
CA ARG A 214 19.09 5.23 18.14
C ARG A 214 19.34 6.44 17.24
N GLU A 215 20.48 7.08 17.44
CA GLU A 215 20.88 8.24 16.66
C GLU A 215 20.74 7.88 15.19
N THR A 216 21.34 6.75 14.82
CA THR A 216 21.29 6.24 13.47
C THR A 216 19.84 6.07 13.00
N LEU A 217 19.10 5.20 13.68
CA LEU A 217 17.71 4.94 13.34
C LEU A 217 16.88 6.19 13.14
N LEU A 218 16.94 7.11 14.11
CA LEU A 218 16.17 8.34 14.03
C LEU A 218 16.65 9.34 12.99
N ASN A 219 17.90 9.23 12.56
CA ASN A 219 18.42 10.17 11.56
C ASN A 219 18.24 9.73 10.12
N TYR A 220 18.07 8.43 9.91
CA TYR A 220 17.89 7.91 8.56
C TYR A 220 16.56 8.41 7.96
N ARG A 221 16.53 8.64 6.65
CA ARG A 221 15.33 9.13 5.98
C ARG A 221 14.29 8.04 5.78
N TRP A 222 14.72 6.78 5.82
CA TRP A 222 13.83 5.65 5.65
C TRP A 222 13.00 5.71 4.37
N PRO A 223 13.67 5.80 3.21
CA PRO A 223 12.99 5.87 1.92
C PRO A 223 12.03 4.70 1.67
N GLY A 224 12.32 3.55 2.28
CA GLY A 224 11.49 2.37 2.11
C GLY A 224 10.57 2.15 3.30
N ASN A 225 10.57 3.15 4.18
CA ASN A 225 9.73 3.17 5.38
C ASN A 225 9.64 1.91 6.21
N ILE A 226 8.44 1.59 6.65
CA ILE A 226 8.21 0.43 7.51
C ILE A 226 8.77 -0.88 7.00
N ARG A 227 8.67 -1.13 5.69
CA ARG A 227 9.21 -2.36 5.15
C ARG A 227 10.73 -2.37 5.32
N GLU A 228 11.35 -1.21 5.10
CA GLU A 228 12.79 -1.06 5.21
C GLU A 228 13.24 -1.13 6.68
N LEU A 229 12.56 -0.38 7.54
CA LEU A 229 12.89 -0.39 8.95
C LEU A 229 12.91 -1.84 9.44
N LYS A 230 11.90 -2.61 9.05
CA LYS A 230 11.82 -3.99 9.48
C LYS A 230 13.04 -4.77 9.04
N ASN A 231 13.35 -4.71 7.75
CA ASN A 231 14.47 -5.47 7.23
C ASN A 231 15.79 -5.02 7.84
N VAL A 232 15.97 -3.71 8.02
CA VAL A 232 17.20 -3.21 8.59
C VAL A 232 17.40 -3.79 9.99
N VAL A 233 16.34 -3.73 10.80
CA VAL A 233 16.41 -4.24 12.16
C VAL A 233 16.71 -5.73 12.24
N GLU A 234 15.87 -6.59 11.66
CA GLU A 234 16.12 -8.03 11.71
C GLU A 234 17.57 -8.33 11.30
N ARG A 235 18.02 -7.70 10.22
CA ARG A 235 19.37 -7.88 9.75
C ARG A 235 20.32 -7.53 10.91
N SER A 236 20.17 -6.31 11.43
CA SER A 236 21.01 -5.83 12.53
C SER A 236 21.04 -6.76 13.75
N VAL A 237 19.87 -7.20 14.19
CA VAL A 237 19.81 -8.09 15.34
C VAL A 237 20.55 -9.37 15.03
N TYR A 238 20.42 -9.83 13.79
CA TYR A 238 21.09 -11.05 13.37
C TYR A 238 22.60 -10.87 13.49
N ARG A 239 23.15 -9.83 12.86
CA ARG A 239 24.58 -9.61 12.94
C ARG A 239 25.07 -9.56 14.39
N HIS A 240 24.28 -8.95 15.26
CA HIS A 240 24.60 -8.83 16.68
C HIS A 240 24.61 -10.21 17.34
N GLY A 241 23.55 -10.98 17.14
CA GLY A 241 23.49 -12.32 17.71
C GLY A 241 23.81 -12.55 19.19
N THR A 242 23.46 -11.61 20.06
CA THR A 242 23.71 -11.83 21.49
C THR A 242 22.79 -11.02 22.37
N SER A 243 22.59 -11.48 23.60
CA SER A 243 21.75 -10.75 24.53
C SER A 243 22.63 -10.16 25.62
N ASP A 244 23.94 -10.39 25.51
CA ASP A 244 24.88 -9.91 26.51
C ASP A 244 25.09 -8.40 26.58
N TYR A 245 24.78 -7.69 25.50
CA TYR A 245 24.93 -6.25 25.51
C TYR A 245 24.13 -5.60 24.40
N PRO A 246 23.66 -4.36 24.65
CA PRO A 246 22.87 -3.59 23.71
C PRO A 246 23.36 -3.60 22.27
N LEU A 247 22.40 -3.51 21.35
CA LEU A 247 22.70 -3.48 19.94
C LEU A 247 23.23 -2.08 19.64
N ASP A 248 24.37 -2.01 18.97
CA ASP A 248 24.99 -0.73 18.67
C ASP A 248 25.16 -0.47 17.18
N ASP A 249 25.38 -1.54 16.42
CA ASP A 249 25.59 -1.43 14.98
C ASP A 249 24.32 -1.65 14.15
N ILE A 250 23.82 -0.57 13.55
CA ILE A 250 22.63 -0.66 12.72
C ILE A 250 23.05 -0.79 11.25
N ILE A 251 22.74 -1.93 10.64
CA ILE A 251 23.12 -2.17 9.26
C ILE A 251 22.12 -1.63 8.24
N ILE A 252 22.21 -0.34 7.97
CA ILE A 252 21.33 0.30 7.01
C ILE A 252 21.53 -0.30 5.63
N ASP A 253 22.79 -0.38 5.19
CA ASP A 253 23.13 -0.91 3.87
C ASP A 253 23.89 -2.23 3.89
N PRO A 254 23.21 -3.34 3.58
CA PRO A 254 23.81 -4.67 3.56
C PRO A 254 24.93 -4.84 2.54
N PHE A 255 25.07 -3.86 1.66
CA PHE A 255 26.11 -3.93 0.63
C PHE A 255 27.46 -3.43 1.12
N LYS A 256 27.46 -2.58 2.14
CA LYS A 256 28.72 -2.12 2.71
C LYS A 256 29.26 -3.31 3.49
N ARG A 257 30.47 -3.75 3.15
CA ARG A 257 31.07 -4.89 3.83
C ARG A 257 31.87 -4.49 5.07
N ARG A 258 31.16 -4.14 6.15
CA ARG A 258 31.80 -3.76 7.41
C ARG A 258 32.86 -4.80 7.82
N PRO A 259 33.80 -4.42 8.70
CA PRO A 259 33.98 -3.11 9.34
C PRO A 259 33.90 -1.92 8.40
P AMP B . 2.94 -0.53 1.36
O1P AMP B . 2.31 0.72 1.50
O2P AMP B . 4.11 -0.37 0.62
O3P AMP B . 2.08 -1.56 0.86
O5' AMP B . 3.31 -1.09 2.74
C5' AMP B . 3.57 -2.42 2.97
C4' AMP B . 4.59 -2.89 4.00
O4' AMP B . 4.76 -2.12 5.17
C3' AMP B . 4.19 -4.21 4.48
O3' AMP B . 5.29 -5.09 4.48
C2' AMP B . 3.76 -4.05 5.87
O2' AMP B . 3.54 -5.33 6.45
C1' AMP B . 4.63 -2.90 6.34
N9 AMP B . 3.78 -2.15 7.28
C8 AMP B . 3.05 -1.13 6.93
N7 AMP B . 2.39 -0.62 7.92
C5 AMP B . 2.66 -1.30 9.00
C6 AMP B . 2.26 -1.24 10.43
N6 AMP B . 1.42 -0.33 10.93
N1 AMP B . 2.80 -2.16 11.22
C2 AMP B . 3.66 -3.11 10.79
N3 AMP B . 4.06 -3.21 9.53
C4 AMP B . 3.60 -2.35 8.57
MG MG C . 1.74 -3.49 -1.16
#